data_5OS6
#
_entry.id   5OS6
#
_cell.length_a   81.720
_cell.length_b   81.720
_cell.length_c   174.290
_cell.angle_alpha   90.000
_cell.angle_beta   90.000
_cell.angle_gamma   120.000
#
_symmetry.space_group_name_H-M   'P 61 2 2'
#
loop_
_entity.id
_entity.type
_entity.pdbx_description
1 polymer 'Aurora kinase A'
2 non-polymer "ADENOSINE-5'-DIPHOSPHATE"
3 non-polymer 'MAGNESIUM ION'
4 non-polymer (6-phenoxypyridin-3-yl)methanol
5 water water
#
_entity_poly.entity_id   1
_entity_poly.type   'polypeptide(L)'
_entity_poly.pdbx_seq_one_letter_code
;QWALEDFEIGRPLGKGKFGNVYLAREKQSKFILALKVLFKAQLEKAGVEHQLRREVEIQSHLRHPNILRLYGYFHDATRV
YLILEYAPLGTVYRELQKLSKFDEQRTATYITELANALSYCHSKRVIHRDIKPENLLLGSAGELKIADFGWSVHAPSSRR
T(TPO)LAGTLDYLPPEMIEGRMHDEKVDLWSLGVLCYEFLVGKPPFEANTYQETYKRISRVEFTFPDFVTEGARDLISR
LLKHNPSQRPMLREVLEHPWITANSSKPS
;
_entity_poly.pdbx_strand_id   A
#
loop_
_chem_comp.id
_chem_comp.type
_chem_comp.name
_chem_comp.formula
A7Q non-polymer (6-phenoxypyridin-3-yl)methanol 'C12 H11 N O2'
ADP non-polymer ADENOSINE-5'-DIPHOSPHATE 'C10 H15 N5 O10 P2'
MG non-polymer 'MAGNESIUM ION' 'Mg 2'
#
# COMPACT_ATOMS: atom_id res chain seq x y z
N GLN A 1 1.17 27.75 10.08
CA GLN A 1 0.01 27.52 10.94
C GLN A 1 0.42 26.64 12.12
N TRP A 2 0.36 25.32 11.93
CA TRP A 2 0.69 24.37 13.00
C TRP A 2 2.17 24.36 13.33
N ALA A 3 2.48 24.05 14.58
CA ALA A 3 3.86 23.83 15.02
C ALA A 3 3.88 22.70 16.07
N LEU A 4 5.08 22.29 16.46
CA LEU A 4 5.23 21.19 17.41
C LEU A 4 4.55 21.49 18.75
N GLU A 5 4.54 22.76 19.12
CA GLU A 5 4.04 23.20 20.42
C GLU A 5 2.54 22.89 20.58
N ASP A 6 1.89 22.61 19.46
CA ASP A 6 0.44 22.40 19.44
C ASP A 6 0.05 20.98 19.85
N PHE A 7 1.04 20.13 20.09
CA PHE A 7 0.78 18.71 20.28
C PHE A 7 1.45 18.11 21.50
N GLU A 8 0.74 17.24 22.21
CA GLU A 8 1.39 16.29 23.12
C GLU A 8 1.69 14.99 22.34
N ILE A 9 2.91 14.48 22.47
CA ILE A 9 3.32 13.30 21.74
C ILE A 9 3.16 12.07 22.61
N GLY A 10 2.74 10.95 22.01
CA GLY A 10 2.52 9.72 22.74
C GLY A 10 3.41 8.58 22.28
N ARG A 11 2.86 7.38 22.19
CA ARG A 11 3.71 6.21 21.94
C ARG A 11 4.03 5.97 20.47
N PRO A 12 5.22 5.38 20.22
CA PRO A 12 5.59 4.97 18.86
C PRO A 12 4.55 4.07 18.19
N LEU A 13 4.05 4.52 17.04
CA LEU A 13 3.14 3.72 16.23
C LEU A 13 3.88 2.83 15.23
N GLY A 14 5.07 3.23 14.80
CA GLY A 14 5.83 2.45 13.84
C GLY A 14 7.04 3.18 13.30
N LYS A 15 7.94 2.44 12.67
CA LYS A 15 9.09 3.06 12.00
C LYS A 15 9.06 2.73 10.52
N GLY A 16 9.47 3.68 9.69
CA GLY A 16 9.67 3.39 8.28
C GLY A 16 11.10 3.75 7.91
N LYS A 17 11.41 3.71 6.62
CA LYS A 17 12.73 4.07 6.13
C LYS A 17 13.10 5.48 6.58
N PHE A 18 12.19 6.42 6.31
CA PHE A 18 12.39 7.80 6.75
C PHE A 18 11.46 8.14 7.90
N GLY A 19 10.21 7.69 7.76
CA GLY A 19 9.16 7.95 8.74
C GLY A 19 9.29 7.27 10.09
N ASN A 20 9.09 8.06 11.14
CA ASN A 20 8.93 7.60 12.50
C ASN A 20 7.59 8.12 12.93
N VAL A 21 6.65 7.21 13.21
CA VAL A 21 5.28 7.65 13.41
C VAL A 21 4.88 7.55 14.88
N TYR A 22 4.20 8.57 15.37
CA TYR A 22 3.85 8.70 16.78
C TYR A 22 2.39 9.04 16.99
N LEU A 23 1.84 8.52 18.07
CA LEU A 23 0.52 8.92 18.51
C LEU A 23 0.59 10.34 19.08
N ALA A 24 -0.43 11.16 18.84
CA ALA A 24 -0.43 12.54 19.33
C ALA A 24 -1.82 13.15 19.48
N ARG A 25 -1.93 14.10 20.40
CA ARG A 25 -3.19 14.81 20.64
C ARG A 25 -3.01 16.32 20.47
N GLU A 26 -3.94 16.98 19.79
CA GLU A 26 -3.85 18.42 19.63
C GLU A 26 -4.37 19.11 20.89
N LYS A 27 -3.55 20.00 21.45
CA LYS A 27 -3.78 20.57 22.78
C LYS A 27 -5.11 21.25 23.00
N GLN A 28 -5.62 21.94 22.00
CA GLN A 28 -6.79 22.77 22.22
C GLN A 28 -8.10 22.04 21.90
N SER A 29 -8.05 21.08 20.99
CA SER A 29 -9.27 20.35 20.62
C SER A 29 -9.32 18.94 21.21
N LYS A 30 -8.19 18.48 21.75
CA LYS A 30 -8.00 17.09 22.17
C LYS A 30 -8.21 16.09 21.00
N PHE A 31 -7.94 16.51 19.78
CA PHE A 31 -8.10 15.66 18.61
C PHE A 31 -6.94 14.66 18.54
N ILE A 32 -7.27 13.38 18.44
CA ILE A 32 -6.23 12.35 18.39
C ILE A 32 -5.84 12.06 16.95
N LEU A 33 -4.55 11.93 16.70
CA LEU A 33 -4.07 11.77 15.34
C LEU A 33 -2.71 11.09 15.31
N ALA A 34 -2.15 10.94 14.12
CA ALA A 34 -0.80 10.39 14.01
C ALA A 34 0.13 11.40 13.32
N LEU A 35 1.35 11.46 13.80
CA LEU A 35 2.34 12.45 13.39
C LEU A 35 3.54 11.73 12.81
N LYS A 36 3.69 11.80 11.49
CA LYS A 36 4.84 11.19 10.84
C LYS A 36 6.00 12.19 10.76
N VAL A 37 7.12 11.80 11.36
CA VAL A 37 8.31 12.63 11.48
C VAL A 37 9.41 12.21 10.53
N LEU A 38 9.86 13.14 9.69
CA LEU A 38 10.96 12.86 8.78
C LEU A 38 12.15 13.77 9.09
N PHE A 39 13.36 13.23 8.98
CA PHE A 39 14.57 14.02 9.20
C PHE A 39 15.10 14.61 7.89
N LYS A 40 15.15 15.94 7.83
CA LYS A 40 15.61 16.65 6.63
C LYS A 40 16.99 16.17 6.12
N ALA A 41 17.95 15.98 7.02
CA ALA A 41 19.24 15.44 6.63
C ALA A 41 19.12 14.11 5.90
N GLN A 42 18.25 13.24 6.40
CA GLN A 42 18.05 11.93 5.77
C GLN A 42 17.38 12.12 4.41
N LEU A 43 16.46 13.08 4.35
CA LEU A 43 15.71 13.36 3.11
C LEU A 43 16.58 13.95 2.00
N GLU A 44 17.48 14.87 2.38
CA GLU A 44 18.43 15.47 1.44
C GLU A 44 19.49 14.47 1.01
N LYS A 45 20.04 13.72 1.95
CA LYS A 45 21.06 12.74 1.62
C LYS A 45 20.53 11.77 0.56
N ALA A 46 19.27 11.40 0.67
CA ALA A 46 18.70 10.38 -0.21
C ALA A 46 18.08 11.03 -1.45
N GLY A 47 17.89 12.34 -1.38
CA GLY A 47 17.33 13.10 -2.48
C GLY A 47 15.87 12.81 -2.77
N VAL A 48 15.04 12.71 -1.73
CA VAL A 48 13.66 12.34 -1.98
C VAL A 48 12.64 13.38 -1.50
N GLU A 49 13.03 14.65 -1.61
CA GLU A 49 12.10 15.75 -1.34
C GLU A 49 10.90 15.72 -2.26
N HIS A 50 11.10 15.28 -3.49
CA HIS A 50 10.02 15.26 -4.47
C HIS A 50 8.95 14.22 -4.11
N GLN A 51 9.37 13.13 -3.47
CA GLN A 51 8.41 12.13 -3.01
C GLN A 51 7.54 12.65 -1.87
N LEU A 52 8.12 13.44 -0.98
CA LEU A 52 7.35 13.98 0.15
C LEU A 52 6.27 14.95 -0.34
N ARG A 53 6.61 15.81 -1.30
CA ARG A 53 5.65 16.74 -1.89
C ARG A 53 4.48 15.99 -2.53
N ARG A 54 4.82 14.93 -3.24
CA ARG A 54 3.81 14.16 -3.95
C ARG A 54 2.85 13.54 -2.94
N GLU A 55 3.41 13.02 -1.85
CA GLU A 55 2.63 12.41 -0.78
C GLU A 55 1.63 13.42 -0.20
N VAL A 56 2.08 14.65 0.03
CA VAL A 56 1.25 15.68 0.61
C VAL A 56 0.13 16.13 -0.35
N GLU A 57 0.50 16.36 -1.61
CA GLU A 57 -0.46 16.81 -2.60
C GLU A 57 -1.52 15.77 -2.91
N ILE A 58 -1.09 14.57 -3.30
CA ILE A 58 -2.05 13.52 -3.67
C ILE A 58 -2.95 13.09 -2.52
N GLN A 59 -2.43 12.99 -1.31
CA GLN A 59 -3.20 12.44 -0.19
C GLN A 59 -4.12 13.44 0.50
N SER A 60 -3.86 14.74 0.39
CA SER A 60 -4.75 15.72 1.03
C SER A 60 -5.97 15.98 0.14
N HIS A 61 -5.80 15.76 -1.15
CA HIS A 61 -6.84 16.06 -2.11
C HIS A 61 -7.82 14.89 -2.28
N LEU A 62 -7.37 13.68 -2.00
CA LEU A 62 -8.23 12.50 -2.14
C LEU A 62 -9.21 12.35 -0.98
N ARG A 63 -10.41 11.88 -1.26
CA ARG A 63 -11.39 11.59 -0.22
C ARG A 63 -12.15 10.29 -0.52
N HIS A 64 -11.85 9.25 0.25
CA HIS A 64 -12.47 7.94 0.08
C HIS A 64 -12.40 7.21 1.41
N PRO A 65 -13.44 6.43 1.75
CA PRO A 65 -13.46 5.74 3.05
C PRO A 65 -12.32 4.75 3.23
N ASN A 66 -11.80 4.20 2.14
CA ASN A 66 -10.70 3.24 2.19
C ASN A 66 -9.33 3.82 1.85
N ILE A 67 -9.20 5.15 1.98
CA ILE A 67 -7.91 5.82 1.84
C ILE A 67 -7.64 6.75 3.04
N LEU A 68 -6.48 6.57 3.67
CA LEU A 68 -6.11 7.33 4.88
C LEU A 68 -5.95 8.83 4.57
N ARG A 69 -6.59 9.66 5.38
CA ARG A 69 -6.54 11.12 5.24
C ARG A 69 -5.19 11.71 5.67
N LEU A 70 -4.71 12.70 4.93
CA LEU A 70 -3.61 13.57 5.35
C LEU A 70 -4.18 14.98 5.53
N TYR A 71 -3.98 15.58 6.70
CA TYR A 71 -4.63 16.85 7.09
C TYR A 71 -3.75 18.08 6.86
N GLY A 72 -2.45 17.94 7.12
CA GLY A 72 -1.53 19.06 7.03
C GLY A 72 -0.07 18.68 7.20
N TYR A 73 0.78 19.70 7.37
CA TYR A 73 2.22 19.49 7.56
C TYR A 73 2.83 20.78 8.10
N PHE A 74 4.05 20.66 8.63
CA PHE A 74 4.89 21.77 9.12
C PHE A 74 6.28 21.24 9.32
N HIS A 75 7.22 22.08 9.77
CA HIS A 75 8.60 21.61 9.65
C HIS A 75 9.44 22.64 10.45
N ASP A 76 10.65 22.31 10.93
CA ASP A 76 11.31 23.11 11.98
C ASP A 76 12.84 23.01 11.95
N ALA A 77 13.39 23.10 10.75
CA ALA A 77 14.83 23.22 10.54
C ALA A 77 15.60 21.92 10.69
N THR A 78 15.06 20.97 11.45
CA THR A 78 15.67 19.64 11.49
C THR A 78 14.73 18.58 10.91
N ARG A 79 13.43 18.79 11.06
CA ARG A 79 12.46 17.75 10.77
C ARG A 79 11.24 18.26 10.01
N VAL A 80 10.64 17.36 9.25
CA VAL A 80 9.34 17.58 8.63
C VAL A 80 8.29 16.67 9.31
N TYR A 81 7.07 17.19 9.46
CA TYR A 81 5.99 16.50 10.15
C TYR A 81 4.72 16.42 9.31
N LEU A 82 4.29 15.21 8.94
CA LEU A 82 2.98 15.05 8.31
C LEU A 82 1.92 14.71 9.35
N ILE A 83 0.76 15.34 9.22
CA ILE A 83 -0.35 15.14 10.14
C ILE A 83 -1.39 14.21 9.53
N LEU A 84 -1.49 13.00 10.09
CA LEU A 84 -2.33 11.96 9.49
C LEU A 84 -3.56 11.57 10.32
N GLU A 85 -4.58 11.04 9.64
CA GLU A 85 -5.65 10.31 10.31
C GLU A 85 -5.03 9.12 11.09
N TYR A 86 -5.40 8.95 12.36
CA TYR A 86 -4.90 7.82 13.17
C TYR A 86 -5.70 6.55 12.86
N ALA A 87 -5.01 5.42 12.68
CA ALA A 87 -5.68 4.14 12.42
C ALA A 87 -5.54 3.21 13.62
N PRO A 88 -6.67 3.00 14.35
CA PRO A 88 -6.65 2.42 15.70
C PRO A 88 -6.25 0.95 15.74
N LEU A 89 -6.47 0.19 14.66
CA LEU A 89 -6.27 -1.24 14.73
C LEU A 89 -5.01 -1.71 14.04
N GLY A 90 -4.18 -0.78 13.61
CA GLY A 90 -2.84 -1.14 13.17
C GLY A 90 -2.72 -1.54 11.70
N THR A 91 -1.73 -2.38 11.39
CA THR A 91 -1.46 -2.72 10.02
C THR A 91 -1.93 -4.10 9.67
N VAL A 92 -2.22 -4.31 8.39
CA VAL A 92 -2.49 -5.64 7.89
C VAL A 92 -1.28 -6.56 8.08
N TYR A 93 -0.07 -6.01 7.95
CA TYR A 93 1.17 -6.75 8.23
C TYR A 93 1.14 -7.44 9.62
N ARG A 94 0.86 -6.67 10.67
CA ARG A 94 0.77 -7.22 12.04
C ARG A 94 -0.32 -8.30 12.14
N GLU A 95 -1.50 -8.04 11.57
CA GLU A 95 -2.60 -9.00 11.61
C GLU A 95 -2.21 -10.33 10.94
N LEU A 96 -1.39 -10.23 9.91
CA LEU A 96 -0.93 -11.40 9.19
C LEU A 96 0.12 -12.19 9.98
N GLN A 97 0.97 -11.50 10.75
CA GLN A 97 1.92 -12.18 11.59
C GLN A 97 1.20 -12.83 12.77
N LYS A 98 0.11 -12.22 13.20
CA LYS A 98 -0.70 -12.78 14.28
C LYS A 98 -1.40 -14.09 13.86
N LEU A 99 -2.13 -14.08 12.73
CA LEU A 99 -2.93 -15.24 12.34
C LEU A 99 -2.26 -16.25 11.40
N SER A 100 -1.10 -15.88 10.84
CA SER A 100 -0.40 -16.63 9.77
C SER A 100 -1.09 -16.60 8.40
N LYS A 101 -2.40 -16.86 8.37
CA LYS A 101 -3.15 -16.91 7.12
C LYS A 101 -4.53 -16.37 7.36
N PHE A 102 -5.08 -15.69 6.37
CA PHE A 102 -6.45 -15.25 6.40
C PHE A 102 -7.35 -16.27 5.69
N ASP A 103 -8.55 -16.49 6.21
CA ASP A 103 -9.49 -17.39 5.52
C ASP A 103 -9.99 -16.71 4.25
N GLU A 104 -10.85 -17.38 3.50
CA GLU A 104 -11.31 -16.85 2.23
C GLU A 104 -12.21 -15.62 2.42
N GLN A 105 -13.01 -15.60 3.48
CA GLN A 105 -13.90 -14.49 3.74
C GLN A 105 -13.11 -13.21 4.04
N ARG A 106 -12.11 -13.33 4.91
CA ARG A 106 -11.29 -12.19 5.25
C ARG A 106 -10.51 -11.67 4.05
N THR A 107 -9.93 -12.59 3.28
CA THR A 107 -9.14 -12.23 2.11
C THR A 107 -9.93 -11.47 1.03
N ALA A 108 -11.11 -11.97 0.66
CA ALA A 108 -11.91 -11.34 -0.37
C ALA A 108 -12.47 -9.99 0.06
N THR A 109 -12.82 -9.85 1.33
CA THR A 109 -13.27 -8.57 1.81
C THR A 109 -12.16 -7.54 1.67
N TYR A 110 -10.95 -7.87 2.14
CA TYR A 110 -9.81 -6.96 2.00
C TYR A 110 -9.58 -6.58 0.53
N ILE A 111 -9.59 -7.59 -0.36
CA ILE A 111 -9.37 -7.37 -1.79
C ILE A 111 -10.44 -6.44 -2.40
N THR A 112 -11.69 -6.57 -1.94
CA THR A 112 -12.78 -5.66 -2.36
C THR A 112 -12.52 -4.23 -1.92
N GLU A 113 -12.17 -4.03 -0.66
CA GLU A 113 -11.93 -2.69 -0.14
C GLU A 113 -10.75 -2.01 -0.85
N LEU A 114 -9.71 -2.79 -1.15
CA LEU A 114 -8.58 -2.34 -1.96
C LEU A 114 -8.95 -1.92 -3.39
N ALA A 115 -9.68 -2.77 -4.09
CA ALA A 115 -10.13 -2.50 -5.44
C ALA A 115 -11.02 -1.24 -5.49
N ASN A 116 -11.85 -1.02 -4.46
CA ASN A 116 -12.65 0.20 -4.38
C ASN A 116 -11.75 1.44 -4.29
N ALA A 117 -10.76 1.38 -3.40
CA ALA A 117 -9.92 2.54 -3.18
C ALA A 117 -9.05 2.81 -4.41
N LEU A 118 -8.53 1.74 -5.00
CA LEU A 118 -7.71 1.83 -6.20
C LEU A 118 -8.50 2.37 -7.40
N SER A 119 -9.76 1.96 -7.51
CA SER A 119 -10.55 2.38 -8.64
C SER A 119 -10.80 3.89 -8.55
N TYR A 120 -11.12 4.37 -7.34
CA TYR A 120 -11.22 5.80 -7.10
C TYR A 120 -9.92 6.55 -7.43
N CYS A 121 -8.78 5.93 -7.13
CA CYS A 121 -7.47 6.50 -7.46
C CYS A 121 -7.19 6.59 -8.97
N HIS A 122 -7.40 5.47 -9.64
CA HIS A 122 -7.09 5.36 -11.06
C HIS A 122 -7.97 6.28 -11.87
N SER A 123 -9.13 6.64 -11.31
CA SER A 123 -10.07 7.54 -11.94
C SER A 123 -9.52 8.98 -12.04
N LYS A 124 -8.49 9.28 -11.27
CA LYS A 124 -7.77 10.56 -11.40
C LYS A 124 -6.37 10.30 -11.94
N ARG A 125 -6.23 9.14 -12.57
CA ARG A 125 -4.96 8.68 -13.13
C ARG A 125 -3.84 8.71 -12.10
N VAL A 126 -4.20 8.51 -10.84
CA VAL A 126 -3.19 8.33 -9.79
C VAL A 126 -2.86 6.86 -9.57
N ILE A 127 -1.57 6.52 -9.61
CA ILE A 127 -1.14 5.15 -9.29
C ILE A 127 -0.23 5.13 -8.05
N HIS A 128 -0.42 4.12 -7.19
CA HIS A 128 0.24 4.03 -5.88
C HIS A 128 1.66 3.49 -6.01
N ARG A 129 1.80 2.33 -6.66
CA ARG A 129 3.11 1.67 -6.93
C ARG A 129 3.84 1.10 -5.69
N ASP A 130 3.22 1.14 -4.50
CA ASP A 130 3.86 0.64 -3.29
C ASP A 130 2.81 0.01 -2.36
N ILE A 131 1.92 -0.77 -2.95
CA ILE A 131 0.93 -1.55 -2.21
C ILE A 131 1.56 -2.78 -1.54
N LYS A 132 1.58 -2.80 -0.21
CA LYS A 132 2.06 -3.97 0.51
C LYS A 132 1.50 -3.92 1.94
N PRO A 133 1.55 -5.05 2.67
CA PRO A 133 0.84 -5.10 3.97
C PRO A 133 1.28 -4.04 5.00
N GLU A 134 2.55 -3.61 4.98
CA GLU A 134 3.04 -2.59 5.92
C GLU A 134 2.36 -1.22 5.71
N ASN A 135 1.83 -0.99 4.52
CA ASN A 135 1.19 0.29 4.18
C ASN A 135 -0.34 0.20 4.10
N LEU A 136 -0.91 -0.90 4.57
CA LEU A 136 -2.36 -1.04 4.64
C LEU A 136 -2.77 -1.02 6.13
N LEU A 137 -3.62 -0.05 6.49
CA LEU A 137 -3.90 0.18 7.90
C LEU A 137 -5.34 -0.21 8.15
N LEU A 138 -5.73 -0.32 9.42
CA LEU A 138 -7.07 -0.78 9.77
C LEU A 138 -7.82 0.24 10.62
N GLY A 139 -9.01 0.63 10.17
CA GLY A 139 -9.84 1.57 10.89
C GLY A 139 -10.52 0.95 12.11
N SER A 140 -11.38 1.72 12.77
CA SER A 140 -11.99 1.31 14.03
C SER A 140 -13.06 0.24 13.84
N ALA A 141 -13.50 0.03 12.60
CA ALA A 141 -14.44 -1.07 12.31
C ALA A 141 -13.76 -2.18 11.55
N GLY A 142 -12.43 -2.15 11.53
CA GLY A 142 -11.66 -3.16 10.84
C GLY A 142 -11.51 -2.94 9.35
N GLU A 143 -12.04 -1.83 8.85
CA GLU A 143 -11.97 -1.54 7.41
C GLU A 143 -10.57 -1.15 6.95
N LEU A 144 -10.18 -1.67 5.80
CA LEU A 144 -8.86 -1.45 5.25
C LEU A 144 -8.71 -0.01 4.71
N LYS A 145 -7.53 0.56 4.93
CA LYS A 145 -7.21 1.92 4.45
C LYS A 145 -5.81 1.94 3.85
N ILE A 146 -5.68 2.43 2.62
CA ILE A 146 -4.38 2.58 1.97
C ILE A 146 -3.62 3.81 2.47
N ALA A 147 -2.38 3.62 2.89
CA ALA A 147 -1.54 4.74 3.32
C ALA A 147 -0.25 4.72 2.55
N ASP A 148 0.70 5.55 2.99
CA ASP A 148 2.02 5.75 2.43
C ASP A 148 2.00 6.04 0.92
N PHE A 149 1.64 7.27 0.55
CA PHE A 149 1.56 7.66 -0.86
C PHE A 149 2.86 8.27 -1.41
N GLY A 150 3.97 8.02 -0.71
CA GLY A 150 5.28 8.54 -1.12
C GLY A 150 5.79 8.18 -2.50
N TRP A 151 5.48 6.97 -2.98
CA TRP A 151 5.91 6.53 -4.31
C TRP A 151 4.87 6.75 -5.42
N SER A 152 3.75 7.39 -5.09
CA SER A 152 2.69 7.55 -6.09
C SER A 152 3.00 8.64 -7.12
N VAL A 153 2.45 8.48 -8.33
CA VAL A 153 2.63 9.40 -9.46
C VAL A 153 1.37 9.48 -10.31
N HIS A 154 1.44 10.30 -11.36
CA HIS A 154 0.45 10.31 -12.45
C HIS A 154 0.97 9.52 -13.66
N ALA A 155 0.07 8.85 -14.38
CA ALA A 155 0.49 7.95 -15.46
C ALA A 155 0.44 8.62 -16.84
N PRO A 156 1.28 8.17 -17.80
CA PRO A 156 2.30 7.12 -17.69
C PRO A 156 3.54 7.62 -16.96
N SER A 157 4.52 6.75 -16.74
CA SER A 157 5.69 7.15 -15.97
C SER A 157 6.87 6.21 -16.15
N SER A 158 8.07 6.76 -15.96
CA SER A 158 9.27 5.94 -15.83
C SER A 158 9.72 6.03 -14.39
N ARG A 159 10.73 5.24 -14.02
CA ARG A 159 11.23 5.35 -12.66
C ARG A 159 12.49 6.22 -12.65
N ARG A 160 12.55 7.15 -11.71
CA ARG A 160 13.67 8.08 -11.60
C ARG A 160 14.45 7.83 -10.33
N THR A 161 13.83 7.12 -9.39
CA THR A 161 14.42 6.88 -8.08
C THR A 161 14.81 5.41 -7.89
N TPO A 162 15.88 5.19 -7.15
CA TPO A 162 16.40 3.88 -6.79
CB TPO A 162 17.74 4.04 -6.02
CG2 TPO A 162 18.28 2.68 -5.58
OG1 TPO A 162 18.71 4.72 -6.83
P TPO A 162 19.02 6.24 -6.37
O1P TPO A 162 17.65 7.05 -6.12
O2P TPO A 162 19.82 6.27 -5.12
O3P TPO A 162 19.81 6.96 -7.57
C TPO A 162 15.41 3.03 -5.98
O TPO A 162 14.81 3.52 -5.02
N LEU A 163 15.22 1.76 -6.35
CA LEU A 163 14.39 0.84 -5.58
C LEU A 163 15.15 0.39 -4.33
N ALA A 164 14.67 0.84 -3.17
CA ALA A 164 15.37 0.65 -1.91
C ALA A 164 15.24 -0.77 -1.33
N GLY A 165 14.05 -1.12 -0.85
CA GLY A 165 13.87 -2.35 -0.11
C GLY A 165 13.52 -3.60 -0.91
N THR A 166 12.32 -4.12 -0.67
CA THR A 166 11.92 -5.42 -1.23
C THR A 166 11.35 -5.30 -2.65
N LEU A 167 11.68 -6.27 -3.48
CA LEU A 167 11.12 -6.35 -4.82
C LEU A 167 9.78 -7.09 -4.81
N ASP A 168 9.32 -7.53 -3.66
CA ASP A 168 8.29 -8.57 -3.62
C ASP A 168 6.93 -8.18 -4.22
N TYR A 169 6.57 -6.89 -4.22
CA TYR A 169 5.24 -6.54 -4.73
C TYR A 169 5.28 -5.86 -6.10
N LEU A 170 6.45 -5.79 -6.72
CA LEU A 170 6.62 -5.02 -7.96
C LEU A 170 6.52 -5.88 -9.22
N PRO A 171 5.85 -5.36 -10.26
CA PRO A 171 5.70 -6.10 -11.52
C PRO A 171 6.99 -6.11 -12.36
N PRO A 172 7.06 -6.95 -13.40
CA PRO A 172 8.26 -7.05 -14.24
C PRO A 172 8.68 -5.72 -14.86
N GLU A 173 7.72 -5.00 -15.41
CA GLU A 173 8.02 -3.77 -16.13
C GLU A 173 8.68 -2.75 -15.23
N MET A 174 8.44 -2.86 -13.95
CA MET A 174 8.87 -1.84 -13.03
C MET A 174 10.24 -2.16 -12.45
N ILE A 175 10.56 -3.44 -12.31
CA ILE A 175 11.87 -3.80 -11.77
C ILE A 175 12.92 -3.73 -12.87
N GLU A 176 12.47 -3.93 -14.10
CA GLU A 176 13.32 -3.83 -15.28
C GLU A 176 13.42 -2.37 -15.74
N GLY A 177 12.79 -1.47 -14.99
CA GLY A 177 12.98 -0.05 -15.19
C GLY A 177 12.26 0.48 -16.41
N ARG A 178 11.44 -0.35 -17.04
CA ARG A 178 10.69 0.07 -18.21
C ARG A 178 9.59 1.04 -17.85
N MET A 179 8.75 1.36 -18.83
CA MET A 179 7.65 2.30 -18.62
C MET A 179 6.47 1.55 -18.04
N HIS A 180 5.66 2.22 -17.23
CA HIS A 180 4.56 1.56 -16.52
C HIS A 180 3.32 2.46 -16.37
N ASP A 181 2.19 1.86 -16.04
CA ASP A 181 0.94 2.59 -15.87
C ASP A 181 0.08 2.00 -14.73
N GLU A 182 -1.23 2.25 -14.77
CA GLU A 182 -2.22 1.76 -13.80
C GLU A 182 -2.10 0.27 -13.50
N LYS A 183 -1.76 -0.50 -14.51
CA LYS A 183 -1.72 -1.95 -14.39
C LYS A 183 -0.67 -2.45 -13.37
N VAL A 184 0.20 -1.59 -12.86
CA VAL A 184 1.18 -2.07 -11.89
C VAL A 184 0.48 -2.39 -10.56
N ASP A 185 -0.58 -1.64 -10.26
CA ASP A 185 -1.31 -1.83 -9.01
C ASP A 185 -2.11 -3.10 -9.08
N LEU A 186 -2.52 -3.49 -10.27
CA LEU A 186 -3.30 -4.73 -10.40
C LEU A 186 -2.42 -5.95 -10.12
N TRP A 187 -1.17 -5.86 -10.56
CA TRP A 187 -0.18 -6.88 -10.25
C TRP A 187 0.03 -6.96 -8.71
N SER A 188 0.02 -5.82 -8.03
CA SER A 188 0.26 -5.77 -6.59
C SER A 188 -0.89 -6.42 -5.84
N LEU A 189 -2.08 -6.10 -6.30
CA LEU A 189 -3.30 -6.79 -5.89
C LEU A 189 -3.19 -8.32 -5.95
N GLY A 190 -2.60 -8.86 -7.02
CA GLY A 190 -2.50 -10.31 -7.14
C GLY A 190 -1.44 -10.92 -6.24
N VAL A 191 -0.37 -10.19 -6.02
CA VAL A 191 0.65 -10.61 -5.07
C VAL A 191 0.06 -10.66 -3.65
N LEU A 192 -0.71 -9.64 -3.31
CA LEU A 192 -1.30 -9.52 -1.99
C LEU A 192 -2.38 -10.60 -1.79
N CYS A 193 -3.19 -10.84 -2.81
CA CYS A 193 -4.23 -11.85 -2.67
C CYS A 193 -3.61 -13.21 -2.33
N TYR A 194 -2.54 -13.57 -3.04
CA TYR A 194 -1.78 -14.77 -2.73
C TYR A 194 -1.22 -14.78 -1.31
N GLU A 195 -0.64 -13.65 -0.88
CA GLU A 195 0.02 -13.63 0.43
C GLU A 195 -1.01 -13.78 1.58
N PHE A 196 -2.19 -13.20 1.41
CA PHE A 196 -3.24 -13.33 2.41
C PHE A 196 -3.62 -14.80 2.64
N LEU A 197 -3.76 -15.57 1.56
CA LEU A 197 -4.25 -16.94 1.65
C LEU A 197 -3.16 -17.96 2.00
N VAL A 198 -1.93 -17.66 1.61
CA VAL A 198 -0.80 -18.60 1.76
C VAL A 198 0.09 -18.27 2.96
N GLY A 199 0.22 -16.99 3.29
CA GLY A 199 1.07 -16.59 4.39
C GLY A 199 2.43 -16.04 3.97
N LYS A 200 2.72 -16.08 2.68
CA LYS A 200 3.95 -15.47 2.15
C LYS A 200 3.78 -15.11 0.66
N PRO A 201 4.53 -14.09 0.17
CA PRO A 201 4.43 -13.63 -1.21
C PRO A 201 4.87 -14.69 -2.19
N PRO A 202 4.24 -14.77 -3.36
CA PRO A 202 4.50 -15.85 -4.32
C PRO A 202 5.89 -15.86 -4.99
N PHE A 203 6.70 -14.82 -4.86
CA PHE A 203 7.98 -14.82 -5.53
C PHE A 203 9.10 -14.69 -4.51
N GLU A 204 8.75 -14.83 -3.24
CA GLU A 204 9.71 -14.71 -2.16
C GLU A 204 10.91 -15.61 -2.37
N ALA A 205 12.06 -15.10 -1.97
CA ALA A 205 13.32 -15.77 -2.21
C ALA A 205 14.36 -15.33 -1.19
N ASN A 206 15.53 -15.96 -1.26
CA ASN A 206 16.59 -15.70 -0.30
C ASN A 206 17.44 -14.48 -0.63
N THR A 207 17.57 -14.17 -1.90
CA THR A 207 18.40 -13.07 -2.32
C THR A 207 17.62 -12.15 -3.24
N TYR A 208 18.08 -10.91 -3.36
CA TYR A 208 17.52 -9.95 -4.30
C TYR A 208 17.58 -10.49 -5.74
N GLN A 209 18.74 -11.04 -6.08
CA GLN A 209 19.06 -11.51 -7.43
C GLN A 209 18.07 -12.57 -7.88
N GLU A 210 17.87 -13.54 -7.03
CA GLU A 210 16.93 -14.56 -7.35
C GLU A 210 15.44 -14.11 -7.36
N THR A 211 15.06 -13.27 -6.40
CA THR A 211 13.71 -12.72 -6.40
C THR A 211 13.44 -12.05 -7.74
N TYR A 212 14.41 -11.26 -8.18
CA TYR A 212 14.35 -10.57 -9.46
C TYR A 212 14.06 -11.56 -10.59
N LYS A 213 14.72 -12.72 -10.53
CA LYS A 213 14.57 -13.78 -11.52
C LYS A 213 13.18 -14.42 -11.50
N ARG A 214 12.66 -14.73 -10.32
CA ARG A 214 11.34 -15.33 -10.24
C ARG A 214 10.20 -14.41 -10.70
N ILE A 215 10.38 -13.10 -10.49
CA ILE A 215 9.37 -12.10 -10.88
C ILE A 215 9.33 -11.89 -12.40
N SER A 216 10.47 -11.62 -13.03
CA SER A 216 10.50 -11.42 -14.48
C SER A 216 10.10 -12.68 -15.24
N ARG A 217 10.32 -13.86 -14.66
CA ARG A 217 9.87 -15.12 -15.24
C ARG A 217 8.48 -15.56 -14.80
N VAL A 218 7.93 -14.90 -13.79
CA VAL A 218 6.61 -15.20 -13.22
C VAL A 218 6.52 -16.66 -12.76
N GLU A 219 7.53 -17.09 -12.01
CA GLU A 219 7.54 -18.42 -11.43
C GLU A 219 6.86 -18.47 -10.07
N PHE A 220 5.60 -18.91 -10.03
CA PHE A 220 4.95 -19.21 -8.74
C PHE A 220 4.13 -20.48 -8.83
N THR A 221 3.88 -21.10 -7.69
CA THR A 221 2.98 -22.25 -7.61
C THR A 221 2.07 -22.14 -6.38
N PHE A 222 0.92 -22.80 -6.46
CA PHE A 222 -0.06 -22.85 -5.39
C PHE A 222 0.12 -24.07 -4.48
N PRO A 223 -0.04 -23.87 -3.17
CA PRO A 223 -0.20 -25.00 -2.25
C PRO A 223 -1.57 -25.64 -2.46
N ASP A 224 -1.72 -26.91 -2.11
CA ASP A 224 -2.94 -27.66 -2.39
C ASP A 224 -4.22 -27.03 -1.86
N PHE A 225 -4.13 -26.30 -0.75
CA PHE A 225 -5.34 -25.83 -0.08
C PHE A 225 -5.97 -24.61 -0.74
N VAL A 226 -5.30 -24.01 -1.73
CA VAL A 226 -5.87 -22.85 -2.43
C VAL A 226 -6.88 -23.31 -3.50
N THR A 227 -8.13 -22.85 -3.36
CA THR A 227 -9.23 -23.36 -4.17
C THR A 227 -9.18 -22.88 -5.61
N GLU A 228 -10.08 -23.42 -6.44
CA GLU A 228 -10.01 -23.17 -7.88
C GLU A 228 -10.28 -21.71 -8.17
N GLY A 229 -11.22 -21.14 -7.43
CA GLY A 229 -11.65 -19.77 -7.67
C GLY A 229 -10.56 -18.75 -7.35
N ALA A 230 -9.77 -19.05 -6.33
CA ALA A 230 -8.70 -18.15 -5.91
C ALA A 230 -7.58 -18.21 -6.94
N ARG A 231 -7.24 -19.43 -7.36
CA ARG A 231 -6.24 -19.66 -8.41
C ARG A 231 -6.58 -18.94 -9.70
N ASP A 232 -7.86 -18.87 -10.02
CA ASP A 232 -8.26 -18.25 -11.26
C ASP A 232 -8.03 -16.74 -11.19
N LEU A 233 -8.44 -16.13 -10.09
CA LEU A 233 -8.28 -14.69 -9.92
C LEU A 233 -6.80 -14.31 -9.84
N ILE A 234 -6.00 -15.10 -9.12
CA ILE A 234 -4.59 -14.75 -8.95
C ILE A 234 -3.82 -14.95 -10.27
N SER A 235 -4.19 -15.96 -11.06
CA SER A 235 -3.52 -16.22 -12.34
C SER A 235 -3.80 -15.12 -13.36
N ARG A 236 -5.03 -14.59 -13.33
CA ARG A 236 -5.40 -13.45 -14.16
C ARG A 236 -4.62 -12.16 -13.84
N LEU A 237 -4.34 -11.90 -12.57
CA LEU A 237 -3.66 -10.67 -12.20
C LEU A 237 -2.13 -10.77 -12.40
N LEU A 238 -1.57 -11.97 -12.25
CA LEU A 238 -0.11 -12.12 -12.33
C LEU A 238 0.36 -12.47 -13.75
N LYS A 239 -0.08 -11.69 -14.73
CA LYS A 239 0.32 -11.84 -16.12
C LYS A 239 1.51 -10.94 -16.45
N HIS A 240 2.49 -11.45 -17.17
CA HIS A 240 3.68 -10.68 -17.51
C HIS A 240 3.36 -9.41 -18.28
N ASN A 241 2.41 -9.57 -19.19
CA ASN A 241 1.96 -8.51 -20.06
C ASN A 241 0.89 -7.71 -19.37
N PRO A 242 1.21 -6.46 -19.02
CA PRO A 242 0.30 -5.54 -18.34
C PRO A 242 -1.10 -5.51 -18.93
N SER A 243 -1.14 -5.43 -20.26
CA SER A 243 -2.41 -5.26 -20.98
C SER A 243 -3.31 -6.47 -20.85
N GLN A 244 -2.76 -7.60 -20.44
CA GLN A 244 -3.58 -8.78 -20.26
C GLN A 244 -4.17 -8.87 -18.85
N ARG A 245 -3.81 -7.94 -17.99
CA ARG A 245 -4.36 -7.95 -16.64
C ARG A 245 -5.78 -7.39 -16.66
N PRO A 246 -6.68 -7.92 -15.83
CA PRO A 246 -8.08 -7.45 -15.77
C PRO A 246 -8.21 -5.99 -15.37
N MET A 247 -9.37 -5.40 -15.64
CA MET A 247 -9.74 -4.09 -15.14
C MET A 247 -10.29 -4.30 -13.75
N LEU A 248 -10.37 -3.25 -12.94
CA LEU A 248 -10.75 -3.43 -11.54
C LEU A 248 -12.20 -3.92 -11.40
N ARG A 249 -13.08 -3.50 -12.30
CA ARG A 249 -14.47 -4.00 -12.33
C ARG A 249 -14.51 -5.52 -12.44
N GLU A 250 -13.71 -6.06 -13.36
CA GLU A 250 -13.64 -7.50 -13.51
C GLU A 250 -13.24 -8.19 -12.19
N VAL A 251 -12.25 -7.63 -11.48
CA VAL A 251 -11.85 -8.17 -10.16
C VAL A 251 -13.02 -8.08 -9.17
N LEU A 252 -13.71 -6.95 -9.14
CA LEU A 252 -14.74 -6.69 -8.15
C LEU A 252 -16.02 -7.51 -8.40
N GLU A 253 -16.19 -8.03 -9.62
CA GLU A 253 -17.33 -8.89 -9.89
C GLU A 253 -16.93 -10.32 -10.27
N HIS A 254 -15.69 -10.67 -10.03
CA HIS A 254 -15.23 -12.04 -10.22
C HIS A 254 -15.99 -12.95 -9.25
N PRO A 255 -16.53 -14.09 -9.75
CA PRO A 255 -17.33 -15.05 -8.98
C PRO A 255 -16.82 -15.40 -7.57
N TRP A 256 -15.50 -15.56 -7.42
CA TRP A 256 -14.92 -15.95 -6.13
C TRP A 256 -14.96 -14.77 -5.14
N ILE A 257 -14.76 -13.56 -5.64
CA ILE A 257 -14.89 -12.37 -4.81
C ILE A 257 -16.33 -12.18 -4.31
N THR A 258 -17.31 -12.26 -5.21
CA THR A 258 -18.70 -12.08 -4.82
C THR A 258 -19.20 -13.17 -3.87
N ALA A 259 -18.73 -14.39 -4.08
CA ALA A 259 -19.09 -15.50 -3.19
C ALA A 259 -18.54 -15.36 -1.75
N ASN A 260 -17.37 -14.76 -1.58
CA ASN A 260 -16.77 -14.75 -0.24
C ASN A 260 -16.69 -13.40 0.47
N SER A 261 -16.74 -12.32 -0.30
CA SER A 261 -16.60 -10.99 0.27
C SER A 261 -17.83 -10.56 1.05
N SER A 262 -17.64 -9.79 2.11
CA SER A 262 -18.79 -9.35 2.90
C SER A 262 -19.04 -7.85 2.76
N LYS A 263 -18.43 -7.23 1.75
CA LYS A 263 -18.64 -5.82 1.43
C LYS A 263 -18.99 -5.66 -0.06
N PRO A 264 -19.76 -4.62 -0.41
CA PRO A 264 -20.14 -4.42 -1.82
C PRO A 264 -19.16 -3.53 -2.60
N SER A 265 -19.47 -3.28 -3.87
CA SER A 265 -18.66 -2.41 -4.71
C SER A 265 -19.07 -0.93 -4.60
PB ADP B . 7.38 5.13 5.41
O1B ADP B . 6.91 6.16 4.41
O2B ADP B . 8.72 5.51 5.96
O3B ADP B . 7.24 3.69 4.96
PA ADP B . 4.79 4.87 6.61
O1A ADP B . 3.85 6.02 6.33
O2A ADP B . 4.62 3.63 5.76
O3A ADP B . 6.34 5.32 6.63
O5' ADP B . 4.61 4.47 8.15
C5' ADP B . 5.47 3.54 8.79
C4' ADP B . 4.73 2.64 9.78
O4' ADP B . 4.16 3.36 10.88
C3' ADP B . 3.58 1.88 9.14
O3' ADP B . 4.07 0.68 8.53
C2' ADP B . 2.70 1.60 10.34
O2' ADP B . 3.22 0.47 11.06
C1' ADP B . 2.88 2.83 11.22
N9 ADP B . 1.90 3.89 10.85
C8 ADP B . 2.06 4.78 9.84
N7 ADP B . 0.99 5.62 9.76
C5 ADP B . 0.13 5.28 10.73
C6 ADP B . -1.20 5.77 11.20
N6 ADP B . -1.84 6.82 10.62
N1 ADP B . -1.75 5.13 12.26
C2 ADP B . -1.13 4.08 12.86
N3 ADP B . 0.07 3.60 12.48
C4 ADP B . 0.73 4.14 11.44
MG MG C . 5.59 2.54 4.31
MG MG D . 7.21 6.53 2.31
C11 A7Q E . 6.29 21.26 0.06
C10 A7Q E . 9.66 20.66 3.54
C9 A7Q E . 11.03 20.82 3.45
C8 A7Q E . 11.76 20.07 2.55
C7 A7Q E . 11.12 19.15 1.75
C4 A7Q E . 6.74 20.04 1.93
C5 A7Q E . 9.04 19.73 2.73
C6 A7Q E . 9.75 18.98 1.84
C3 A7Q E . 5.41 19.76 2.12
C2 A7Q E . 4.50 20.25 1.25
C1 A7Q E . 4.92 21.02 0.17
O A7Q E . 3.59 20.59 -1.79
C A7Q E . 3.94 21.57 -0.82
N A7Q E . 7.18 20.78 0.93
O1 A7Q E . 7.63 19.55 2.85
#